data_5FOM
#
_entry.id   5FOM
#
_cell.length_a   65.065
_cell.length_b   65.065
_cell.length_c   167.301
_cell.angle_alpha   90.00
_cell.angle_beta   90.00
_cell.angle_gamma   90.00
#
_symmetry.space_group_name_H-M   'P 43 21 2'
#
loop_
_entity.id
_entity.type
_entity.pdbx_description
1 polymer 'LEUCYL-TRNA SYNTHETASE'
2 non-polymer '4-Chloro-3-aminomethyl-7-[ethoxy]-3H-benzo[C][1,2]oxaborol-1-ol modified adenosine'
3 non-polymer 'PHOSPHATE ION'
4 water water
#
_entity_poly.entity_id   1
_entity_poly.type   'polypeptide(L)'
_entity_poly.pdbx_seq_one_letter_code
;GAMGPQEYTLIKLKIHLIPEFLGSIVKGREVFVVCATLRPETMYGQTNCWILPDGEYDLVLAFDQVIPYDAKTSDGVLCK
IFDKYEDTMKECNTVYICSERSAYNMAYQGIVPLIHGREQGVSDKLLPRIVSLGKVYGEQLIGTPLSAPMTPYSLIFILP
MFSISMEKGTGIVTSVPSDSPDDYAALRDIKTKPLLREKYSIKDEWILDPLEIIEVPGFGFMTAELLCNQYKIQSQNDSA
KLKQAKEEIYKKEFYEGILIRGKYSGMKICDAKELIRESLIKDGYALIYLE
;
_entity_poly.pdbx_strand_id   A
#
# COMPACT_ATOMS: atom_id res chain seq x y z
N GLY A 4 -7.00 -1.04 -19.27
CA GLY A 4 -7.66 -1.79 -18.15
C GLY A 4 -8.88 -2.58 -18.60
N PRO A 5 -9.58 -3.23 -17.67
CA PRO A 5 -9.30 -3.15 -16.21
C PRO A 5 -8.17 -4.07 -15.75
N GLN A 6 -7.45 -3.61 -14.75
CA GLN A 6 -6.41 -4.41 -14.12
C GLN A 6 -6.85 -4.77 -12.70
N GLU A 7 -6.51 -5.98 -12.28
CA GLU A 7 -6.84 -6.48 -10.97
C GLU A 7 -5.61 -6.38 -10.04
N TYR A 8 -5.88 -5.98 -8.81
CA TYR A 8 -4.90 -5.84 -7.76
C TYR A 8 -5.39 -6.49 -6.47
N THR A 9 -4.45 -6.62 -5.54
CA THR A 9 -4.77 -6.93 -4.17
C THR A 9 -4.54 -5.64 -3.34
N LEU A 10 -5.58 -5.24 -2.61
CA LEU A 10 -5.54 -4.12 -1.71
C LEU A 10 -5.07 -4.65 -0.35
N ILE A 11 -3.95 -4.12 0.15
CA ILE A 11 -3.36 -4.52 1.41
C ILE A 11 -3.70 -3.47 2.48
N LYS A 12 -4.25 -3.96 3.58
CA LYS A 12 -4.68 -3.11 4.68
C LYS A 12 -3.57 -3.09 5.70
N LEU A 13 -3.00 -1.90 5.95
CA LEU A 13 -1.96 -1.71 6.94
C LEU A 13 -2.54 -0.90 8.07
N LYS A 14 -2.64 -1.51 9.25
CA LYS A 14 -3.35 -0.92 10.36
C LYS A 14 -2.46 0.07 11.11
N ILE A 15 -2.94 1.29 11.29
CA ILE A 15 -2.19 2.27 12.07
C ILE A 15 -2.23 1.79 13.50
N HIS A 16 -1.03 1.61 14.09
CA HIS A 16 -0.89 1.08 15.45
C HIS A 16 -1.10 2.15 16.51
N LEU A 17 -0.63 3.37 16.25
CA LEU A 17 -0.82 4.49 17.16
C LEU A 17 -1.30 5.67 16.35
N ILE A 18 -2.57 5.98 16.51
CA ILE A 18 -3.23 7.02 15.74
C ILE A 18 -2.84 8.34 16.36
N PRO A 19 -2.26 9.27 15.55
CA PRO A 19 -1.86 10.58 16.06
C PRO A 19 -3.06 11.51 16.28
N GLU A 20 -2.85 12.55 17.08
CA GLU A 20 -3.90 13.52 17.44
C GLU A 20 -4.61 14.10 16.22
N PHE A 21 -3.84 14.63 15.27
CA PHE A 21 -4.45 15.28 14.11
C PHE A 21 -5.46 14.41 13.34
N LEU A 22 -5.25 13.09 13.33
CA LEU A 22 -6.25 12.15 12.79
C LEU A 22 -7.30 11.76 13.81
N GLY A 23 -6.86 11.47 15.04
CA GLY A 23 -7.75 11.10 16.14
C GLY A 23 -8.94 12.02 16.35
N SER A 24 -8.73 13.33 16.21
CA SER A 24 -9.81 14.30 16.33
C SER A 24 -10.84 14.11 15.22
N ILE A 25 -10.40 13.82 13.99
CA ILE A 25 -11.29 13.63 12.85
C ILE A 25 -11.94 12.24 12.84
N VAL A 26 -11.17 11.18 13.02
CA VAL A 26 -11.73 9.81 12.91
C VAL A 26 -12.52 9.35 14.13
N LYS A 27 -12.30 9.99 15.28
CA LYS A 27 -13.10 9.75 16.50
C LYS A 27 -13.22 8.29 16.89
N GLY A 28 -12.10 7.67 17.23
CA GLY A 28 -12.12 6.31 17.78
C GLY A 28 -12.18 5.17 16.79
N ARG A 29 -12.30 5.45 15.49
CA ARG A 29 -12.39 4.39 14.50
C ARG A 29 -11.03 3.76 14.22
N GLU A 30 -11.06 2.51 13.80
CA GLU A 30 -9.86 1.81 13.30
C GLU A 30 -9.45 2.50 11.99
N VAL A 31 -8.16 2.78 11.84
CA VAL A 31 -7.64 3.38 10.63
C VAL A 31 -6.62 2.50 9.95
N PHE A 32 -6.79 2.34 8.63
CA PHE A 32 -5.89 1.58 7.81
C PHE A 32 -5.40 2.44 6.70
N VAL A 33 -4.13 2.28 6.39
CA VAL A 33 -3.54 2.79 5.18
C VAL A 33 -3.64 1.65 4.15
N VAL A 34 -4.11 1.96 2.97
CA VAL A 34 -4.46 0.93 2.03
C VAL A 34 -3.57 1.05 0.78
N CYS A 35 -2.90 -0.04 0.41
CA CYS A 35 -1.96 -0.06 -0.72
C CYS A 35 -2.38 -1.05 -1.76
N ALA A 36 -2.18 -0.72 -3.03
CA ALA A 36 -2.42 -1.66 -4.14
C ALA A 36 -1.11 -2.37 -4.47
N THR A 37 -1.17 -3.69 -4.65
CA THR A 37 0.00 -4.48 -5.04
C THR A 37 -0.39 -5.48 -6.08
N LEU A 38 0.55 -5.76 -6.98
CA LEU A 38 0.41 -6.89 -7.91
C LEU A 38 0.96 -8.17 -7.29
N ARG A 39 1.62 -8.09 -6.11
CA ARG A 39 2.40 -9.21 -5.57
C ARG A 39 2.09 -9.51 -4.11
N PRO A 40 0.92 -10.13 -3.87
CA PRO A 40 0.51 -10.54 -2.51
C PRO A 40 1.51 -11.49 -1.84
N GLU A 41 2.20 -12.26 -2.66
CA GLU A 41 3.16 -13.26 -2.18
C GLU A 41 4.42 -12.68 -1.54
N THR A 42 4.65 -11.39 -1.75
CA THR A 42 5.85 -10.73 -1.24
C THR A 42 5.64 -10.03 0.10
N MET A 43 4.46 -10.11 0.67
CA MET A 43 4.17 -9.44 1.94
C MET A 43 5.05 -9.92 3.10
N TYR A 44 5.64 -11.11 2.97
CA TYR A 44 6.62 -11.58 3.95
C TYR A 44 7.85 -10.68 4.08
N GLY A 45 8.15 -9.89 3.04
CA GLY A 45 9.34 -9.05 3.03
C GLY A 45 9.14 -7.56 3.22
N GLN A 46 7.96 -7.15 3.69
CA GLN A 46 7.71 -5.72 3.89
C GLN A 46 8.62 -5.13 4.97
N THR A 47 9.30 -4.05 4.60
CA THR A 47 10.17 -3.34 5.53
C THR A 47 9.63 -1.98 5.95
N ASN A 48 8.77 -1.40 5.13
CA ASN A 48 8.19 -0.08 5.36
C ASN A 48 6.98 0.10 4.43
N CYS A 49 6.38 1.30 4.49
CA CYS A 49 5.34 1.67 3.56
C CYS A 49 5.72 3.00 2.88
N TRP A 50 5.33 3.16 1.62
CA TRP A 50 5.68 4.34 0.82
C TRP A 50 4.45 5.23 0.65
N ILE A 51 4.65 6.53 0.83
CA ILE A 51 3.64 7.55 0.53
C ILE A 51 4.24 8.74 -0.26
N LEU A 52 3.44 9.39 -1.11
CA LEU A 52 3.89 10.60 -1.81
C LEU A 52 3.79 11.79 -0.85
N PRO A 53 4.92 12.46 -0.54
CA PRO A 53 4.90 13.52 0.47
C PRO A 53 3.90 14.67 0.22
N ASP A 54 3.81 15.12 -1.03
CA ASP A 54 2.85 16.17 -1.37
C ASP A 54 1.58 15.60 -2.01
N GLY A 55 1.33 14.29 -1.84
CA GLY A 55 0.08 13.67 -2.25
C GLY A 55 -0.97 14.02 -1.23
N GLU A 56 -2.18 14.28 -1.69
CA GLU A 56 -3.29 14.61 -0.81
C GLU A 56 -4.26 13.43 -0.85
N TYR A 57 -4.53 12.88 0.32
CA TYR A 57 -5.24 11.61 0.47
C TYR A 57 -6.53 11.86 1.26
N ASP A 58 -7.55 11.03 1.02
CA ASP A 58 -8.79 11.12 1.80
C ASP A 58 -8.78 10.22 3.03
N LEU A 59 -9.55 10.60 4.03
CA LEU A 59 -9.85 9.77 5.17
C LEU A 59 -11.26 9.22 4.88
N VAL A 60 -11.32 8.02 4.30
CA VAL A 60 -12.57 7.50 3.74
C VAL A 60 -13.21 6.53 4.72
N LEU A 61 -14.47 6.73 5.01
CA LEU A 61 -15.24 5.80 5.82
C LEU A 61 -15.42 4.48 5.04
N ALA A 62 -15.15 3.34 5.69
CA ALA A 62 -15.16 2.03 5.06
C ALA A 62 -16.01 1.02 5.82
N PHE A 63 -16.51 0.01 5.11
CA PHE A 63 -17.23 -1.10 5.77
C PHE A 63 -16.28 -1.87 6.67
N ASP A 64 -16.78 -2.31 7.81
CA ASP A 64 -15.98 -3.10 8.76
C ASP A 64 -15.67 -4.52 8.28
N GLN A 65 -16.55 -5.08 7.46
CA GLN A 65 -16.34 -6.41 6.83
C GLN A 65 -15.57 -7.43 7.68
N LYS A 80 -26.50 -1.40 -1.72
CA LYS A 80 -27.26 -0.39 -0.97
C LYS A 80 -26.47 0.92 -0.72
N ILE A 81 -27.08 2.03 -1.09
CA ILE A 81 -26.54 3.36 -0.98
C ILE A 81 -27.32 4.03 0.14
N PHE A 82 -26.63 4.55 1.15
CA PHE A 82 -27.28 5.08 2.34
C PHE A 82 -27.91 6.42 2.04
N ASP A 83 -29.00 6.72 2.74
CA ASP A 83 -29.67 8.01 2.59
C ASP A 83 -29.16 9.04 3.56
N LYS A 84 -28.72 8.60 4.74
CA LYS A 84 -28.24 9.51 5.78
C LYS A 84 -26.76 9.31 6.10
N TYR A 85 -26.04 10.43 6.09
CA TYR A 85 -24.68 10.54 6.61
C TYR A 85 -24.57 9.95 8.03
N GLU A 86 -25.54 10.26 8.88
CA GLU A 86 -25.55 9.82 10.28
C GLU A 86 -25.60 8.28 10.45
N ASP A 87 -26.33 7.58 9.57
CA ASP A 87 -26.44 6.12 9.66
C ASP A 87 -25.18 5.44 9.18
N THR A 88 -24.56 6.00 8.14
CA THR A 88 -23.26 5.49 7.70
C THR A 88 -22.24 5.67 8.79
N MET A 89 -22.23 6.86 9.38
CA MET A 89 -21.30 7.18 10.46
C MET A 89 -21.50 6.24 11.66
N LYS A 90 -22.74 5.90 11.98
CA LYS A 90 -23.01 4.92 13.03
C LYS A 90 -22.55 3.52 12.64
N GLU A 91 -22.79 3.11 11.39
CA GLU A 91 -22.56 1.72 11.00
C GLU A 91 -21.13 1.35 10.62
N CYS A 92 -20.28 2.33 10.29
CA CYS A 92 -18.89 2.08 9.93
C CYS A 92 -17.93 2.56 11.00
N ASN A 93 -17.08 1.65 11.47
CA ASN A 93 -16.07 1.93 12.48
C ASN A 93 -14.64 1.88 11.96
N THR A 94 -14.50 2.04 10.64
CA THR A 94 -13.24 1.78 9.95
C THR A 94 -13.05 2.93 8.98
N VAL A 95 -11.81 3.42 8.88
CA VAL A 95 -11.44 4.44 7.93
C VAL A 95 -10.25 3.92 7.11
N TYR A 96 -10.26 4.19 5.82
CA TYR A 96 -9.15 3.86 4.93
C TYR A 96 -8.53 5.16 4.43
N ILE A 97 -7.21 5.26 4.50
CA ILE A 97 -6.50 6.39 3.92
C ILE A 97 -6.08 5.96 2.53
N CYS A 98 -6.54 6.73 1.53
CA CYS A 98 -6.28 6.44 0.15
C CYS A 98 -6.61 7.64 -0.73
N SER A 99 -6.21 7.59 -2.00
CA SER A 99 -6.62 8.61 -2.99
C SER A 99 -8.13 8.59 -3.21
N GLU A 100 -8.71 9.79 -3.34
CA GLU A 100 -10.16 9.97 -3.57
C GLU A 100 -10.60 9.12 -4.73
N ARG A 101 -9.79 9.18 -5.77
CA ARG A 101 -9.97 8.42 -7.00
C ARG A 101 -10.10 6.89 -6.74
N SER A 102 -9.19 6.33 -5.93
CA SER A 102 -9.28 4.93 -5.58
C SER A 102 -10.54 4.62 -4.73
N ALA A 103 -10.90 5.56 -3.86
CA ALA A 103 -12.08 5.40 -3.02
C ALA A 103 -13.37 5.26 -3.82
N TYR A 104 -13.49 6.03 -4.90
CA TYR A 104 -14.62 5.87 -5.80
C TYR A 104 -14.64 4.52 -6.42
N ASN A 105 -13.50 4.03 -6.91
CA ASN A 105 -13.45 2.64 -7.39
C ASN A 105 -13.84 1.64 -6.30
N MET A 106 -13.35 1.84 -5.08
CA MET A 106 -13.74 1.00 -3.95
C MET A 106 -15.26 0.99 -3.74
N ALA A 107 -15.86 2.18 -3.79
CA ALA A 107 -17.32 2.37 -3.68
C ALA A 107 -18.12 1.62 -4.70
N TYR A 108 -17.78 1.77 -5.98
CA TYR A 108 -18.43 0.98 -7.05
C TYR A 108 -18.40 -0.50 -6.79
N GLN A 109 -17.30 -0.96 -6.21
CA GLN A 109 -17.05 -2.38 -5.96
C GLN A 109 -17.47 -2.84 -4.58
N GLY A 110 -18.23 -2.03 -3.85
CA GLY A 110 -18.77 -2.42 -2.55
C GLY A 110 -17.83 -2.42 -1.37
N ILE A 111 -16.67 -1.76 -1.44
CA ILE A 111 -15.66 -1.83 -0.38
C ILE A 111 -15.83 -0.71 0.66
N VAL A 112 -16.38 0.41 0.23
CA VAL A 112 -16.68 1.53 1.12
C VAL A 112 -18.10 1.99 0.79
N PRO A 113 -18.83 2.54 1.78
CA PRO A 113 -20.19 3.01 1.53
C PRO A 113 -20.30 4.22 0.62
N LEU A 114 -21.45 4.32 -0.01
CA LEU A 114 -21.85 5.50 -0.73
C LEU A 114 -23.05 6.07 0.01
N ILE A 115 -23.20 7.39 -0.01
CA ILE A 115 -24.42 8.05 0.46
C ILE A 115 -25.05 8.89 -0.62
N HIS A 116 -26.35 9.15 -0.46
CA HIS A 116 -27.04 10.11 -1.34
C HIS A 116 -26.69 11.49 -0.81
N GLY A 117 -25.80 12.15 -1.53
CA GLY A 117 -25.18 13.38 -1.06
C GLY A 117 -26.14 14.56 -1.07
N ARG A 118 -25.91 15.50 -0.15
CA ARG A 118 -26.69 16.75 -0.07
C ARG A 118 -25.90 17.99 -0.53
N GLU A 119 -24.68 17.80 -1.02
CA GLU A 119 -23.72 18.87 -1.31
C GLU A 119 -24.04 19.74 -2.52
N GLN A 120 -24.90 19.26 -3.41
CA GLN A 120 -25.35 20.06 -4.55
C GLN A 120 -26.71 19.59 -4.97
N GLY A 121 -27.37 20.39 -5.80
CA GLY A 121 -28.69 20.07 -6.32
C GLY A 121 -29.76 19.95 -5.25
N VAL A 122 -30.87 19.36 -5.66
CA VAL A 122 -32.05 19.21 -4.81
C VAL A 122 -32.47 17.76 -4.83
N SER A 123 -33.50 17.41 -4.07
CA SER A 123 -33.85 16.01 -3.85
C SER A 123 -34.44 15.25 -5.07
N ASP A 124 -34.61 15.90 -6.22
CA ASP A 124 -35.12 15.23 -7.43
C ASP A 124 -34.11 14.34 -8.19
N LYS A 125 -32.82 14.44 -7.83
CA LYS A 125 -31.76 13.54 -8.31
C LYS A 125 -30.97 12.93 -7.15
N LEU A 126 -30.57 11.68 -7.32
CA LEU A 126 -29.75 10.96 -6.37
C LEU A 126 -28.29 11.03 -6.85
N LEU A 127 -27.40 11.50 -5.98
CA LEU A 127 -25.98 11.70 -6.34
C LEU A 127 -25.14 10.95 -5.33
N PRO A 128 -24.69 9.75 -5.71
CA PRO A 128 -23.97 8.95 -4.74
C PRO A 128 -22.56 9.49 -4.53
N ARG A 129 -22.18 9.59 -3.26
CA ARG A 129 -20.87 10.11 -2.88
C ARG A 129 -20.27 9.25 -1.82
N ILE A 130 -18.94 9.20 -1.79
CA ILE A 130 -18.23 8.58 -0.70
C ILE A 130 -18.35 9.47 0.54
N VAL A 131 -18.07 8.89 1.70
CA VAL A 131 -18.01 9.64 2.93
C VAL A 131 -16.51 9.80 3.21
N SER A 132 -16.03 11.01 2.93
CA SER A 132 -14.69 11.44 3.23
C SER A 132 -14.73 12.33 4.46
N LEU A 133 -14.11 11.89 5.55
CA LEU A 133 -14.06 12.71 6.76
C LEU A 133 -13.08 13.89 6.62
N GLY A 134 -12.12 13.81 5.72
CA GLY A 134 -11.09 14.82 5.67
C GLY A 134 -9.96 14.46 4.75
N LYS A 135 -8.95 15.31 4.80
CA LYS A 135 -7.89 15.33 3.82
C LYS A 135 -6.61 15.21 4.60
N VAL A 136 -5.58 14.62 3.99
CA VAL A 136 -4.31 14.42 4.69
C VAL A 136 -3.18 14.34 3.67
N TYR A 137 -2.10 15.03 3.98
CA TYR A 137 -0.94 15.06 3.09
C TYR A 137 -0.02 13.90 3.50
N GLY A 138 0.57 13.27 2.49
CA GLY A 138 1.52 12.18 2.68
C GLY A 138 2.60 12.54 3.67
N GLU A 139 3.17 13.75 3.50
CA GLU A 139 4.17 14.33 4.42
C GLU A 139 3.75 14.15 5.87
N GLN A 140 2.48 14.41 6.17
CA GLN A 140 2.03 14.35 7.57
C GLN A 140 2.02 12.95 8.15
N LEU A 141 2.05 11.93 7.30
CA LEU A 141 1.96 10.55 7.77
C LEU A 141 3.32 9.88 7.93
N ILE A 142 4.39 10.51 7.44
CA ILE A 142 5.74 9.95 7.50
C ILE A 142 6.04 9.67 8.96
N GLY A 143 6.41 8.42 9.28
CA GLY A 143 6.75 8.01 10.64
C GLY A 143 5.67 7.27 11.39
N THR A 144 4.50 7.12 10.77
CA THR A 144 3.37 6.45 11.40
C THR A 144 3.67 4.96 11.50
N PRO A 145 3.50 4.37 12.71
CA PRO A 145 3.69 2.93 12.87
C PRO A 145 2.48 2.13 12.38
N LEU A 146 2.75 1.00 11.71
CA LEU A 146 1.74 0.18 11.07
C LEU A 146 1.91 -1.31 11.39
N SER A 147 0.81 -2.02 11.68
CA SER A 147 0.81 -3.51 11.68
C SER A 147 0.46 -3.96 10.25
N ALA A 148 1.37 -4.68 9.62
CA ALA A 148 1.25 -5.21 8.30
C ALA A 148 1.16 -6.74 8.40
N PRO A 149 0.47 -7.38 7.44
CA PRO A 149 0.40 -8.84 7.44
C PRO A 149 1.70 -9.48 7.03
N MET A 150 1.92 -10.68 7.56
CA MET A 150 2.94 -11.61 7.11
C MET A 150 4.42 -11.26 7.29
N THR A 151 4.80 -9.99 7.27
CA THR A 151 6.17 -9.61 7.59
C THR A 151 6.56 -10.01 9.03
N PRO A 152 7.83 -10.40 9.25
CA PRO A 152 8.22 -10.73 10.63
C PRO A 152 8.30 -9.51 11.55
N TYR A 153 8.51 -8.32 10.96
CA TYR A 153 8.54 -7.09 11.74
C TYR A 153 7.18 -6.82 12.41
N SER A 154 7.25 -6.47 13.69
CA SER A 154 6.07 -6.15 14.47
C SER A 154 5.35 -4.87 13.97
N LEU A 155 6.17 -3.87 13.66
CA LEU A 155 5.72 -2.59 13.15
C LEU A 155 6.64 -2.15 12.03
N ILE A 156 6.05 -1.60 10.99
CA ILE A 156 6.81 -0.93 9.94
C ILE A 156 6.28 0.48 9.85
N PHE A 157 6.99 1.34 9.13
CA PHE A 157 6.75 2.77 9.18
C PHE A 157 6.57 3.36 7.82
N ILE A 158 5.81 4.46 7.76
CA ILE A 158 5.59 5.18 6.53
C ILE A 158 6.82 6.06 6.19
N LEU A 159 7.24 6.01 4.94
CA LEU A 159 8.38 6.76 4.45
C LEU A 159 8.03 7.33 3.08
N PRO A 160 8.76 8.37 2.63
CA PRO A 160 8.47 9.02 1.37
C PRO A 160 9.04 8.30 0.17
N MET A 161 8.24 8.18 -0.89
CA MET A 161 8.69 7.72 -2.20
C MET A 161 8.16 8.75 -3.24
N PHE A 162 9.06 9.28 -4.06
CA PHE A 162 8.77 10.43 -4.96
C PHE A 162 8.36 9.97 -6.34
N SER A 163 8.63 8.70 -6.66
CA SER A 163 8.15 8.13 -7.92
C SER A 163 6.65 7.77 -7.93
N ILE A 164 5.96 7.84 -6.79
CA ILE A 164 4.53 7.47 -6.69
C ILE A 164 3.63 8.35 -7.57
N SER A 165 2.86 7.72 -8.47
CA SER A 165 1.79 8.38 -9.23
C SER A 165 0.46 8.36 -8.44
N MET A 166 -0.13 9.54 -8.19
CA MET A 166 -1.48 9.64 -7.60
C MET A 166 -2.58 9.15 -8.55
N GLU A 167 -2.28 8.94 -9.82
CA GLU A 167 -3.27 8.45 -10.75
C GLU A 167 -3.38 6.93 -10.82
N LYS A 168 -2.59 6.21 -10.02
CA LYS A 168 -2.58 4.74 -10.00
C LYS A 168 -2.83 4.22 -8.59
N GLY A 169 -3.48 3.07 -8.49
CA GLY A 169 -3.71 2.43 -7.18
C GLY A 169 -4.34 3.39 -6.22
N THR A 170 -3.85 3.39 -4.98
CA THR A 170 -4.32 4.30 -3.95
C THR A 170 -3.39 5.47 -3.71
N GLY A 171 -2.27 5.53 -4.44
CA GLY A 171 -1.17 6.42 -4.09
C GLY A 171 -0.36 5.99 -2.88
N ILE A 172 -0.62 4.80 -2.35
CA ILE A 172 0.15 4.27 -1.23
C ILE A 172 0.62 2.88 -1.61
N VAL A 173 1.89 2.59 -1.29
CA VAL A 173 2.59 1.46 -1.85
C VAL A 173 3.31 0.76 -0.72
N THR A 174 3.23 -0.56 -0.66
CA THR A 174 4.04 -1.26 0.35
C THR A 174 5.43 -1.53 -0.19
N SER A 175 6.37 -1.70 0.74
CA SER A 175 7.80 -1.76 0.41
C SER A 175 8.40 -3.13 0.69
N VAL A 176 8.83 -3.79 -0.38
CA VAL A 176 9.53 -5.04 -0.31
C VAL A 176 10.86 -4.89 -1.10
N PRO A 177 11.87 -4.26 -0.48
CA PRO A 177 13.13 -3.93 -1.16
C PRO A 177 13.98 -5.11 -1.68
N SER A 178 13.81 -6.30 -1.11
CA SER A 178 14.49 -7.48 -1.60
C SER A 178 14.08 -7.90 -3.02
N ASP A 179 12.83 -7.66 -3.40
CA ASP A 179 12.29 -8.15 -4.68
C ASP A 179 11.52 -7.11 -5.54
N SER A 180 11.64 -5.83 -5.19
CA SER A 180 11.12 -4.71 -5.99
C SER A 180 12.25 -3.71 -6.24
N PRO A 181 12.62 -3.50 -7.53
CA PRO A 181 13.66 -2.51 -7.87
C PRO A 181 13.37 -1.11 -7.38
N ASP A 182 12.11 -0.67 -7.53
CA ASP A 182 11.66 0.62 -6.97
C ASP A 182 11.87 0.72 -5.50
N ASP A 183 11.46 -0.33 -4.79
CA ASP A 183 11.50 -0.30 -3.32
C ASP A 183 12.96 -0.30 -2.83
N TYR A 184 13.78 -1.14 -3.45
CA TYR A 184 15.23 -1.12 -3.14
C TYR A 184 15.82 0.27 -3.40
N ALA A 185 15.60 0.79 -4.61
CA ALA A 185 16.14 2.10 -5.03
C ALA A 185 15.72 3.24 -4.11
N ALA A 186 14.44 3.28 -3.74
CA ALA A 186 13.90 4.34 -2.89
C ALA A 186 14.35 4.24 -1.45
N LEU A 187 14.56 3.02 -0.95
CA LEU A 187 15.08 2.87 0.41
C LEU A 187 16.57 3.24 0.46
N ARG A 188 17.31 2.92 -0.60
CA ARG A 188 18.74 3.27 -0.69
C ARG A 188 18.94 4.80 -0.73
N ASP A 189 18.13 5.49 -1.53
CA ASP A 189 18.12 6.95 -1.54
C ASP A 189 17.93 7.53 -0.14
N ILE A 190 17.08 6.92 0.67
CA ILE A 190 16.92 7.34 2.07
C ILE A 190 18.15 7.01 2.92
N LYS A 191 18.66 5.78 2.75
CA LYS A 191 19.80 5.26 3.53
C LYS A 191 21.08 6.08 3.33
N THR A 192 21.36 6.44 2.08
CA THR A 192 22.52 7.26 1.71
C THR A 192 22.28 8.76 2.01
N LYS A 193 21.35 9.38 1.27
CA LYS A 193 21.14 10.86 1.29
C LYS A 193 20.72 11.42 2.66
N PRO A 194 21.68 11.96 3.45
CA PRO A 194 21.35 12.36 4.82
C PRO A 194 20.57 13.68 4.94
N LEU A 195 20.52 14.45 3.86
CA LEU A 195 19.72 15.67 3.81
C LEU A 195 18.24 15.31 3.75
N LEU A 196 17.94 14.30 2.91
CA LEU A 196 16.60 13.70 2.79
C LEU A 196 16.00 13.26 4.14
N ARG A 197 16.83 12.70 5.01
CA ARG A 197 16.39 12.23 6.34
C ARG A 197 16.16 13.37 7.33
N GLU A 198 17.03 14.38 7.27
CA GLU A 198 16.87 15.58 8.11
C GLU A 198 15.62 16.35 7.71
N LYS A 199 15.44 16.53 6.40
CA LYS A 199 14.29 17.21 5.82
C LYS A 199 12.95 16.69 6.34
N TYR A 200 12.69 15.39 6.13
CA TYR A 200 11.44 14.79 6.60
C TYR A 200 11.52 14.24 8.03
N SER A 201 12.63 14.47 8.73
CA SER A 201 12.71 14.15 10.16
C SER A 201 12.63 12.62 10.40
N ILE A 202 13.24 11.88 9.48
CA ILE A 202 13.19 10.41 9.46
C ILE A 202 14.17 9.85 10.48
N LYS A 203 13.64 9.26 11.55
CA LYS A 203 14.45 8.58 12.56
C LYS A 203 15.15 7.34 11.96
N ASP A 204 16.14 6.80 12.69
CA ASP A 204 16.91 5.64 12.23
C ASP A 204 16.09 4.37 12.36
N GLU A 205 15.37 4.25 13.48
CA GLU A 205 14.54 3.07 13.77
C GLU A 205 13.32 2.86 12.86
N TRP A 206 13.03 3.83 11.98
CA TRP A 206 12.02 3.67 10.92
C TRP A 206 12.56 3.00 9.65
N ILE A 207 13.88 2.86 9.56
CA ILE A 207 14.53 2.31 8.39
C ILE A 207 14.91 0.87 8.71
N LEU A 208 14.18 -0.10 8.15
CA LEU A 208 14.35 -1.51 8.51
C LEU A 208 15.04 -2.32 7.39
N ASP A 209 15.74 -3.38 7.78
CA ASP A 209 16.59 -4.12 6.85
C ASP A 209 15.76 -4.96 5.91
N PRO A 210 16.18 -5.09 4.66
CA PRO A 210 15.49 -6.04 3.77
C PRO A 210 15.55 -7.48 4.28
N LEU A 211 14.58 -8.26 3.82
CA LEU A 211 14.40 -9.61 4.27
C LEU A 211 14.47 -10.55 3.06
N GLU A 212 15.18 -11.66 3.22
CA GLU A 212 15.23 -12.67 2.20
C GLU A 212 13.93 -13.42 2.25
N ILE A 213 13.23 -13.43 1.12
CA ILE A 213 11.96 -14.11 1.02
C ILE A 213 11.80 -15.02 -0.19
N ILE A 214 12.54 -14.79 -1.26
CA ILE A 214 12.30 -15.54 -2.50
C ILE A 214 13.63 -15.91 -3.10
N GLU A 215 13.78 -17.16 -3.50
CA GLU A 215 14.96 -17.56 -4.27
C GLU A 215 14.62 -17.49 -5.75
N VAL A 216 15.41 -16.74 -6.51
CA VAL A 216 15.41 -16.81 -7.97
C VAL A 216 16.67 -17.56 -8.42
N PRO A 217 16.54 -18.83 -8.87
CA PRO A 217 17.70 -19.67 -9.22
C PRO A 217 18.89 -18.99 -9.95
N GLY A 218 18.60 -18.04 -10.83
CA GLY A 218 19.66 -17.25 -11.46
C GLY A 218 20.42 -16.29 -10.55
N PHE A 219 19.72 -15.64 -9.64
CA PHE A 219 20.21 -14.47 -8.90
C PHE A 219 20.33 -14.63 -7.38
N GLY A 220 19.80 -15.71 -6.83
CA GLY A 220 19.74 -15.88 -5.38
C GLY A 220 18.52 -15.23 -4.72
N PHE A 221 18.76 -14.66 -3.55
CA PHE A 221 17.71 -14.30 -2.59
C PHE A 221 17.53 -12.82 -2.37
N MET A 222 18.29 -11.99 -3.06
CA MET A 222 18.18 -10.53 -2.90
C MET A 222 18.19 -9.95 -4.30
N THR A 223 17.22 -10.41 -5.09
CA THR A 223 17.20 -10.20 -6.54
C THR A 223 17.03 -8.74 -7.00
N ALA A 224 16.42 -7.89 -6.19
CA ALA A 224 16.21 -6.49 -6.57
C ALA A 224 17.52 -5.70 -6.61
N GLU A 225 18.40 -5.91 -5.65
CA GLU A 225 19.70 -5.21 -5.62
C GLU A 225 20.59 -5.58 -6.80
N LEU A 226 20.60 -6.86 -7.15
CA LEU A 226 21.40 -7.32 -8.27
C LEU A 226 20.92 -6.62 -9.52
N LEU A 227 19.62 -6.73 -9.81
CA LEU A 227 19.01 -6.06 -10.97
C LEU A 227 19.24 -4.55 -11.03
N CYS A 228 19.22 -3.87 -9.88
CA CYS A 228 19.51 -2.43 -9.85
C CYS A 228 20.95 -2.15 -10.24
N ASN A 229 21.87 -3.02 -9.82
CA ASN A 229 23.24 -2.95 -10.30
C ASN A 229 23.30 -3.28 -11.80
N GLN A 230 22.65 -4.37 -12.21
CA GLN A 230 22.65 -4.82 -13.63
C GLN A 230 22.11 -3.80 -14.64
N TYR A 231 21.13 -3.00 -14.24
CA TYR A 231 20.62 -1.92 -15.10
C TYR A 231 21.32 -0.59 -14.84
N LYS A 232 22.23 -0.58 -13.85
CA LYS A 232 23.03 0.59 -13.47
C LYS A 232 22.14 1.71 -12.92
N ILE A 233 21.18 1.33 -12.08
CA ILE A 233 20.18 2.25 -11.54
C ILE A 233 20.75 2.98 -10.31
N GLN A 234 20.73 4.32 -10.37
CA GLN A 234 21.40 5.20 -9.41
C GLN A 234 20.47 5.83 -8.38
N SER A 235 19.22 6.08 -8.76
CA SER A 235 18.18 6.52 -7.82
C SER A 235 16.78 6.01 -8.24
N GLN A 236 15.79 6.29 -7.40
CA GLN A 236 14.39 5.93 -7.71
C GLN A 236 13.81 6.63 -8.94
N ASN A 237 14.47 7.70 -9.38
CA ASN A 237 13.96 8.54 -10.47
C ASN A 237 14.27 8.00 -11.86
N ASP A 238 15.23 7.08 -11.97
CA ASP A 238 15.71 6.58 -13.28
C ASP A 238 14.67 5.65 -13.87
N SER A 239 13.55 6.22 -14.27
CA SER A 239 12.33 5.44 -14.51
C SER A 239 12.41 4.52 -15.73
N ALA A 240 13.07 4.96 -16.80
CA ALA A 240 13.13 4.15 -18.03
C ALA A 240 13.86 2.82 -17.78
N LYS A 241 14.89 2.84 -16.95
CA LYS A 241 15.65 1.63 -16.60
C LYS A 241 14.91 0.77 -15.56
N LEU A 242 14.41 1.42 -14.51
CA LEU A 242 13.52 0.77 -13.53
C LEU A 242 12.40 -0.04 -14.19
N LYS A 243 11.77 0.55 -15.22
CA LYS A 243 10.73 -0.14 -16.01
C LYS A 243 11.22 -1.49 -16.57
N GLN A 244 12.48 -1.53 -17.02
CA GLN A 244 13.06 -2.74 -17.61
C GLN A 244 13.40 -3.76 -16.53
N ALA A 245 13.98 -3.28 -15.44
CA ALA A 245 14.21 -4.12 -14.26
C ALA A 245 12.90 -4.76 -13.80
N LYS A 246 11.88 -3.92 -13.63
CA LYS A 246 10.57 -4.36 -13.13
C LYS A 246 9.89 -5.40 -14.00
N GLU A 247 9.97 -5.23 -15.32
CA GLU A 247 9.33 -6.17 -16.24
C GLU A 247 10.05 -7.52 -16.26
N GLU A 248 11.39 -7.48 -16.22
CA GLU A 248 12.21 -8.69 -16.07
C GLU A 248 11.96 -9.43 -14.73
N ILE A 249 12.14 -8.74 -13.62
CA ILE A 249 11.94 -9.36 -12.30
C ILE A 249 10.53 -9.94 -12.18
N TYR A 250 9.52 -9.22 -12.70
CA TYR A 250 8.12 -9.67 -12.53
C TYR A 250 7.93 -11.06 -13.11
N LYS A 251 8.35 -11.25 -14.36
CA LYS A 251 8.04 -12.48 -15.07
C LYS A 251 8.94 -13.61 -14.58
N LYS A 252 10.23 -13.32 -14.41
CA LYS A 252 11.17 -14.33 -13.94
C LYS A 252 10.81 -14.84 -12.54
N GLU A 253 10.45 -13.92 -11.64
CA GLU A 253 10.02 -14.32 -10.30
C GLU A 253 8.73 -15.11 -10.27
N PHE A 254 7.75 -14.74 -11.12
CA PHE A 254 6.48 -15.49 -11.14
C PHE A 254 6.67 -16.94 -11.58
N TYR A 255 7.44 -17.12 -12.67
CA TYR A 255 7.66 -18.45 -13.25
C TYR A 255 8.78 -19.25 -12.58
N GLU A 256 9.83 -18.58 -12.11
CA GLU A 256 11.01 -19.29 -11.56
C GLU A 256 11.27 -19.08 -10.05
N GLY A 257 10.57 -18.16 -9.40
CA GLY A 257 10.84 -17.79 -8.00
C GLY A 257 10.29 -18.83 -7.03
N ILE A 258 11.09 -19.16 -6.02
CA ILE A 258 10.70 -20.14 -5.02
C ILE A 258 10.57 -19.38 -3.70
N LEU A 259 9.44 -19.54 -3.03
CA LEU A 259 9.23 -18.91 -1.72
C LEU A 259 10.07 -19.61 -0.66
N ILE A 260 10.76 -18.84 0.17
CA ILE A 260 11.43 -19.41 1.36
C ILE A 260 10.78 -19.06 2.69
N ARG A 261 9.57 -18.48 2.65
CA ARG A 261 8.83 -18.05 3.83
C ARG A 261 7.38 -18.46 3.70
N GLY A 262 6.74 -18.63 4.85
CA GLY A 262 5.32 -18.82 4.92
C GLY A 262 4.90 -20.25 4.80
N LYS A 263 3.58 -20.44 4.72
CA LYS A 263 2.96 -21.75 4.63
C LYS A 263 3.39 -22.51 3.38
N TYR A 264 3.64 -21.78 2.30
CA TYR A 264 3.97 -22.38 1.02
C TYR A 264 5.46 -22.28 0.74
N SER A 265 6.25 -22.19 1.82
CA SER A 265 7.68 -22.21 1.70
C SER A 265 8.10 -23.47 0.95
N GLY A 266 9.08 -23.34 0.07
CA GLY A 266 9.45 -24.42 -0.82
C GLY A 266 8.79 -24.32 -2.19
N MET A 267 7.52 -23.91 -2.27
CA MET A 267 6.80 -23.88 -3.56
C MET A 267 7.19 -22.71 -4.47
N LYS A 268 6.93 -22.89 -5.76
CA LYS A 268 7.14 -21.83 -6.75
C LYS A 268 6.04 -20.80 -6.54
N ILE A 269 6.37 -19.54 -6.83
CA ILE A 269 5.39 -18.45 -6.74
C ILE A 269 4.15 -18.75 -7.59
N CYS A 270 4.33 -19.23 -8.82
CA CYS A 270 3.17 -19.47 -9.70
C CYS A 270 2.17 -20.42 -9.08
N ASP A 271 2.62 -21.39 -8.30
CA ASP A 271 1.71 -22.30 -7.60
C ASP A 271 1.15 -21.81 -6.26
N ALA A 272 1.85 -20.89 -5.59
CA ALA A 272 1.46 -20.41 -4.23
C ALA A 272 0.70 -19.08 -4.18
N LYS A 273 0.94 -18.24 -5.19
CA LYS A 273 0.46 -16.86 -5.21
C LYS A 273 -1.01 -16.68 -4.87
N GLU A 274 -1.89 -17.40 -5.57
CA GLU A 274 -3.32 -17.25 -5.35
C GLU A 274 -3.76 -17.81 -4.03
N LEU A 275 -3.09 -18.86 -3.57
CA LEU A 275 -3.38 -19.41 -2.25
C LEU A 275 -3.04 -18.41 -1.14
N ILE A 276 -1.89 -17.76 -1.27
CA ILE A 276 -1.48 -16.72 -0.31
C ILE A 276 -2.47 -15.56 -0.32
N ARG A 277 -2.75 -15.06 -1.52
CA ARG A 277 -3.75 -14.02 -1.72
C ARG A 277 -5.11 -14.35 -1.07
N GLU A 278 -5.61 -15.57 -1.27
CA GLU A 278 -6.89 -15.97 -0.67
C GLU A 278 -6.81 -16.04 0.85
N SER A 279 -5.68 -16.47 1.42
CA SER A 279 -5.59 -16.48 2.86
C SER A 279 -5.56 -15.03 3.45
N LEU A 280 -4.85 -14.12 2.78
CA LEU A 280 -4.89 -12.71 3.18
C LEU A 280 -6.32 -12.17 3.12
N ILE A 281 -7.06 -12.52 2.06
CA ILE A 281 -8.43 -12.06 1.94
C ILE A 281 -9.27 -12.67 3.08
N LYS A 282 -9.18 -13.99 3.26
CA LYS A 282 -9.88 -14.69 4.35
C LYS A 282 -9.62 -14.05 5.71
N ASP A 283 -8.36 -13.78 5.99
CA ASP A 283 -7.96 -13.21 7.26
C ASP A 283 -8.24 -11.71 7.44
N GLY A 284 -8.81 -11.05 6.44
CA GLY A 284 -9.21 -9.64 6.57
C GLY A 284 -8.07 -8.65 6.36
N TYR A 285 -6.92 -9.12 5.88
CA TYR A 285 -5.78 -8.24 5.56
C TYR A 285 -5.82 -7.63 4.16
N ALA A 286 -6.67 -8.16 3.29
CA ALA A 286 -6.64 -7.82 1.88
C ALA A 286 -7.99 -7.93 1.25
N LEU A 287 -8.14 -7.20 0.14
CA LEU A 287 -9.33 -7.23 -0.67
C LEU A 287 -8.93 -7.21 -2.15
N ILE A 288 -9.79 -7.79 -2.97
CA ILE A 288 -9.69 -7.73 -4.41
C ILE A 288 -10.10 -6.32 -4.85
N TYR A 289 -9.34 -5.74 -5.77
CA TYR A 289 -9.57 -4.37 -6.21
C TYR A 289 -9.28 -4.25 -7.70
N LEU A 290 -10.15 -3.53 -8.40
CA LEU A 290 -10.04 -3.33 -9.85
C LEU A 290 -9.97 -1.84 -10.14
N GLU A 291 -9.08 -1.46 -11.06
CA GLU A 291 -9.14 -0.15 -11.68
C GLU A 291 -8.60 -0.15 -13.11
#